data_4BIW
#
_entry.id   4BIW
#
_cell.length_a   144.303
_cell.length_b   144.303
_cell.length_c   250.483
_cell.angle_alpha   90.00
_cell.angle_beta   90.00
_cell.angle_gamma   120.00
#
_symmetry.space_group_name_H-M   'P 61 2 2'
#
loop_
_entity.id
_entity.type
_entity.pdbx_description
1 polymer 'SENSOR PROTEIN CPXA'
2 non-polymer 'PHOSPHOAMINOPHOSPHONIC ACID-ADENYLATE ESTER'
3 non-polymer 'MAGNESIUM ION'
4 non-polymer 'SULFATE ION'
5 water water
#
_entity_poly.entity_id   1
_entity_poly.type   'polypeptide(L)'
_entity_poly.pdbx_seq_one_letter_code
;MGSSHHHHHHSSGLVPRGSHMENLYFQGKPARKLKNAADEVAQGNLRQHPELEAGPQEFLAAGASFNQVVTALERMMTSQ
QRLLSDISHELRTPLTRLQLGTALLRRRSGESKELERIETEAQRLDSMINDLLVMSRNQQKNALVSETIKANQLWSEVLD
NAAFEAEQMGKSLTVNFPPGPWPLYGNPNALESALENIVRNALRYSHTKIEVGFAVDKDGITITVDDDGPGVSPEDREQI
FRPFYRTDEARDRESGGTGLGLAIVETAIQQHRGWVKAEDSPLGGLRLVIWLPLYKRS
;
_entity_poly.pdbx_strand_id   A,B
#
loop_
_chem_comp.id
_chem_comp.type
_chem_comp.name
_chem_comp.formula
ANP non-polymer 'PHOSPHOAMINOPHOSPHONIC ACID-ADENYLATE ESTER' 'C10 H17 N6 O12 P3'
MG non-polymer 'MAGNESIUM ION' 'Mg 2'
SO4 non-polymer 'SULFATE ION' 'O4 S -2'
#
# COMPACT_ATOMS: atom_id res chain seq x y z
N LEU A 52 8.90 -27.37 6.76
CA LEU A 52 8.91 -27.44 8.23
C LEU A 52 9.81 -26.33 8.77
N GLU A 53 10.64 -25.84 7.85
CA GLU A 53 11.77 -24.91 8.03
C GLU A 53 11.44 -23.41 8.29
N ALA A 54 12.50 -22.56 8.11
CA ALA A 54 12.54 -21.11 8.30
C ALA A 54 12.13 -20.36 7.03
N GLY A 55 10.91 -19.80 7.07
CA GLY A 55 10.32 -19.07 5.95
C GLY A 55 9.92 -19.96 4.79
N PRO A 56 9.25 -21.14 5.03
CA PRO A 56 8.85 -21.99 3.90
C PRO A 56 7.41 -21.74 3.45
N GLN A 57 7.10 -22.22 2.20
CA GLN A 57 5.80 -22.16 1.52
C GLN A 57 4.76 -22.82 2.25
N GLU A 58 3.62 -22.78 1.60
CA GLU A 58 2.49 -23.55 2.03
C GLU A 58 2.67 -24.95 1.80
N PHE A 59 3.57 -25.33 0.85
CA PHE A 59 3.99 -26.66 0.47
C PHE A 59 4.69 -27.27 1.75
N LEU A 60 4.93 -26.42 2.77
CA LEU A 60 5.12 -26.75 4.18
C LEU A 60 3.89 -27.60 4.61
N ALA A 61 2.77 -27.50 3.82
CA ALA A 61 1.49 -28.24 3.89
C ALA A 61 1.79 -29.71 3.87
N ALA A 62 2.82 -30.14 3.13
CA ALA A 62 3.29 -31.53 3.15
C ALA A 62 3.72 -31.90 4.64
N GLY A 63 2.78 -32.60 5.30
CA GLY A 63 2.82 -33.08 6.69
C GLY A 63 1.98 -32.33 7.73
N ALA A 64 2.20 -31.01 7.83
CA ALA A 64 1.61 -30.05 8.78
C ALA A 64 0.07 -30.03 8.81
N SER A 65 -0.51 -29.58 9.93
CA SER A 65 -1.96 -29.36 10.06
C SER A 65 -2.41 -28.13 9.26
N PHE A 66 -3.69 -28.11 8.75
CA PHE A 66 -4.40 -27.03 8.02
C PHE A 66 -4.14 -25.66 8.66
N ASN A 67 -4.20 -25.63 10.00
CA ASN A 67 -3.96 -24.44 10.84
C ASN A 67 -2.57 -23.86 10.58
N GLN A 68 -1.50 -24.70 10.70
CA GLN A 68 -0.11 -24.31 10.43
C GLN A 68 -0.01 -23.80 8.99
N VAL A 69 -0.60 -24.54 8.07
CA VAL A 69 -0.72 -24.20 6.67
C VAL A 69 -1.31 -22.75 6.59
N VAL A 70 -2.49 -22.45 7.15
CA VAL A 70 -2.84 -21.05 6.93
C VAL A 70 -1.90 -19.97 7.62
N THR A 71 -1.33 -20.24 8.82
CA THR A 71 -0.48 -19.22 9.46
C THR A 71 0.77 -18.93 8.63
N ALA A 72 1.28 -19.95 7.91
CA ALA A 72 2.43 -19.83 7.04
C ALA A 72 2.06 -18.94 5.85
N LEU A 73 0.78 -18.99 5.42
CA LEU A 73 0.23 -18.21 4.31
C LEU A 73 0.17 -16.78 4.73
N GLU A 74 -0.26 -16.53 5.97
CA GLU A 74 -0.38 -15.22 6.58
C GLU A 74 0.99 -14.58 6.71
N ARG A 75 2.02 -15.40 7.03
CA ARG A 75 3.43 -15.02 7.12
C ARG A 75 3.86 -14.48 5.76
N MET A 76 3.51 -15.20 4.68
CA MET A 76 3.80 -14.78 3.32
C MET A 76 3.04 -13.48 3.06
N MET A 77 1.69 -13.48 3.23
CA MET A 77 0.81 -12.32 3.04
C MET A 77 1.28 -11.04 3.75
N THR A 78 1.64 -11.13 5.06
CA THR A 78 2.11 -9.94 5.80
C THR A 78 3.32 -9.28 5.14
N SER A 79 4.24 -10.08 4.57
CA SER A 79 5.42 -9.53 3.88
C SER A 79 5.03 -8.93 2.52
N GLN A 80 4.01 -9.51 1.84
CA GLN A 80 3.49 -9.03 0.55
C GLN A 80 2.89 -7.65 0.73
N GLN A 81 2.16 -7.50 1.84
CA GLN A 81 1.50 -6.26 2.24
C GLN A 81 2.57 -5.24 2.61
N ARG A 82 3.65 -5.67 3.32
CA ARG A 82 4.79 -4.79 3.64
C ARG A 82 5.51 -4.32 2.34
N LEU A 83 5.71 -5.23 1.35
CA LEU A 83 6.35 -4.90 0.07
C LEU A 83 5.59 -3.79 -0.63
N LEU A 84 4.26 -3.99 -0.75
CA LEU A 84 3.32 -3.10 -1.43
C LEU A 84 3.22 -1.77 -0.73
N SER A 85 3.21 -1.77 0.62
CA SER A 85 3.11 -0.49 1.32
C SER A 85 4.43 0.25 1.21
N ASP A 86 5.56 -0.47 1.21
CA ASP A 86 6.89 0.12 1.07
C ASP A 86 7.07 0.72 -0.33
N ILE A 87 6.65 0.01 -1.40
CA ILE A 87 6.80 0.52 -2.76
C ILE A 87 5.89 1.74 -2.92
N SER A 88 4.64 1.68 -2.39
CA SER A 88 3.67 2.79 -2.45
C SER A 88 4.22 4.05 -1.82
N HIS A 89 4.81 3.90 -0.63
CA HIS A 89 5.39 5.03 0.08
C HIS A 89 6.55 5.67 -0.70
N GLU A 90 7.38 4.83 -1.31
CA GLU A 90 8.54 5.31 -2.06
C GLU A 90 8.16 5.97 -3.38
N LEU A 91 7.09 5.50 -4.01
CA LEU A 91 6.68 6.02 -5.31
C LEU A 91 6.31 7.50 -5.19
N ARG A 92 5.86 7.92 -4.01
CA ARG A 92 5.42 9.29 -3.74
C ARG A 92 6.55 10.32 -3.89
N THR A 93 7.80 9.99 -3.50
CA THR A 93 8.95 10.90 -3.54
C THR A 93 9.40 11.20 -5.01
N PRO A 94 9.64 10.24 -5.98
CA PRO A 94 9.96 10.66 -7.35
C PRO A 94 8.83 11.46 -7.98
N LEU A 95 7.60 11.18 -7.53
CA LEU A 95 6.38 11.84 -7.97
C LEU A 95 6.38 13.32 -7.51
N THR A 96 6.71 13.63 -6.23
CA THR A 96 6.77 15.01 -5.73
C THR A 96 7.80 15.82 -6.54
N ARG A 97 8.99 15.25 -6.75
CA ARG A 97 10.08 15.85 -7.52
C ARG A 97 9.66 16.07 -8.98
N LEU A 98 8.99 15.05 -9.61
CA LEU A 98 8.42 15.13 -10.96
C LEU A 98 7.44 16.31 -11.05
N GLN A 99 6.58 16.46 -10.03
CA GLN A 99 5.55 17.50 -9.93
C GLN A 99 6.17 18.87 -9.78
N LEU A 100 7.32 18.99 -9.10
CA LEU A 100 8.07 20.26 -9.03
C LEU A 100 8.65 20.62 -10.39
N GLY A 101 9.02 19.59 -11.17
CA GLY A 101 9.54 19.71 -12.52
C GLY A 101 8.51 20.28 -13.47
N THR A 102 7.25 19.74 -13.41
CA THR A 102 6.12 20.19 -14.24
C THR A 102 5.79 21.65 -13.89
N ALA A 103 5.83 21.99 -12.58
CA ALA A 103 5.58 23.33 -12.05
C ALA A 103 6.60 24.34 -12.59
N LEU A 104 7.90 23.98 -12.54
CA LEU A 104 9.01 24.80 -13.03
C LEU A 104 8.95 24.97 -14.55
N LEU A 105 8.51 23.93 -15.28
CA LEU A 105 8.35 23.98 -16.72
C LEU A 105 7.19 24.94 -17.09
N ARG A 106 6.02 24.85 -16.39
CA ARG A 106 4.86 25.73 -16.60
C ARG A 106 5.23 27.18 -16.32
N ARG A 107 6.13 27.39 -15.38
CA ARG A 107 6.63 28.71 -15.03
C ARG A 107 7.45 29.27 -16.21
N ARG A 108 8.39 28.48 -16.74
CA ARG A 108 9.29 28.88 -17.81
C ARG A 108 8.65 28.98 -19.19
N SER A 109 7.86 27.98 -19.61
CA SER A 109 7.31 27.93 -20.96
C SER A 109 5.77 27.89 -21.03
N GLY A 110 5.10 28.15 -19.91
CA GLY A 110 3.64 28.17 -19.84
C GLY A 110 2.92 26.88 -20.13
N GLU A 111 1.57 26.96 -20.12
CA GLU A 111 0.65 25.84 -20.34
C GLU A 111 0.81 25.23 -21.75
N SER A 112 0.59 23.90 -21.83
CA SER A 112 0.77 23.08 -23.02
C SER A 112 -0.20 21.90 -23.01
N LYS A 113 -0.52 21.32 -24.21
CA LYS A 113 -1.37 20.12 -24.29
C LYS A 113 -0.62 18.97 -23.62
N GLU A 114 0.70 18.86 -23.92
CA GLU A 114 1.62 17.85 -23.40
C GLU A 114 1.81 17.97 -21.91
N LEU A 115 2.03 19.20 -21.40
CA LEU A 115 2.22 19.44 -19.97
C LEU A 115 0.98 19.06 -19.16
N GLU A 116 -0.22 19.38 -19.71
CA GLU A 116 -1.52 19.09 -19.12
C GLU A 116 -1.67 17.58 -18.92
N ARG A 117 -1.23 16.80 -19.93
CA ARG A 117 -1.27 15.35 -19.93
C ARG A 117 -0.37 14.81 -18.82
N ILE A 118 0.89 15.28 -18.77
CA ILE A 118 1.88 14.87 -17.76
C ILE A 118 1.33 15.17 -16.36
N GLU A 119 0.73 16.37 -16.16
CA GLU A 119 0.21 16.79 -14.86
C GLU A 119 -0.98 15.93 -14.43
N THR A 120 -1.94 15.65 -15.32
CA THR A 120 -3.12 14.86 -14.96
C THR A 120 -2.74 13.38 -14.73
N GLU A 121 -1.74 12.85 -15.47
CA GLU A 121 -1.29 11.47 -15.26
C GLU A 121 -0.58 11.35 -13.91
N ALA A 122 0.25 12.35 -13.57
CA ALA A 122 0.96 12.42 -12.31
C ALA A 122 -0.06 12.48 -11.17
N GLN A 123 -1.18 13.18 -11.41
CA GLN A 123 -2.26 13.34 -10.43
C GLN A 123 -3.03 12.03 -10.24
N ARG A 124 -3.22 11.22 -11.32
CA ARG A 124 -3.88 9.92 -11.24
C ARG A 124 -3.07 9.02 -10.31
N LEU A 125 -1.72 8.95 -10.55
CA LEU A 125 -0.76 8.17 -9.79
C LEU A 125 -0.85 8.50 -8.30
N ASP A 126 -0.85 9.81 -7.96
CA ASP A 126 -0.98 10.34 -6.59
C ASP A 126 -2.19 9.76 -5.87
N SER A 127 -3.35 9.77 -6.53
CA SER A 127 -4.60 9.28 -5.94
C SER A 127 -4.56 7.78 -5.67
N MET A 128 -4.10 6.99 -6.67
CA MET A 128 -3.93 5.54 -6.62
C MET A 128 -2.98 5.16 -5.48
N ILE A 129 -1.82 5.84 -5.34
CA ILE A 129 -0.84 5.58 -4.30
C ILE A 129 -1.50 5.88 -2.92
N ASN A 130 -2.32 6.96 -2.85
CA ASN A 130 -2.99 7.34 -1.62
C ASN A 130 -4.00 6.29 -1.15
N ASP A 131 -4.81 5.76 -2.07
CA ASP A 131 -5.79 4.75 -1.71
C ASP A 131 -5.08 3.41 -1.40
N LEU A 132 -3.89 3.20 -1.98
CA LEU A 132 -3.10 1.99 -1.75
C LEU A 132 -2.54 2.01 -0.36
N LEU A 133 -2.19 3.19 0.14
CA LEU A 133 -1.64 3.36 1.47
C LEU A 133 -2.76 3.37 2.49
N VAL A 134 -3.96 3.86 2.09
CA VAL A 134 -5.17 3.88 2.95
C VAL A 134 -5.52 2.41 3.28
N MET A 135 -5.47 1.53 2.25
CA MET A 135 -5.66 0.09 2.37
C MET A 135 -4.56 -0.52 3.26
N SER A 136 -3.29 -0.31 2.87
CA SER A 136 -2.11 -0.81 3.57
C SER A 136 -2.13 -0.44 5.06
N ARG A 137 -2.55 0.80 5.38
CA ARG A 137 -2.72 1.28 6.77
C ARG A 137 -3.67 0.37 7.52
N ASN A 138 -4.85 0.12 6.91
CA ASN A 138 -5.94 -0.70 7.46
C ASN A 138 -5.57 -2.17 7.54
N GLN A 139 -5.00 -2.77 6.47
CA GLN A 139 -4.61 -4.21 6.46
C GLN A 139 -3.54 -4.47 7.53
N GLN A 140 -2.68 -3.46 7.80
CA GLN A 140 -1.75 -3.45 8.94
C GLN A 140 -2.61 -2.93 10.09
N LYS A 141 -2.09 -2.76 11.30
CA LYS A 141 -2.97 -2.26 12.39
C LYS A 141 -3.72 -3.44 13.07
N ASN A 142 -3.71 -4.58 12.41
CA ASN A 142 -4.20 -5.83 12.92
C ASN A 142 -3.36 -6.93 12.30
N ALA A 143 -2.68 -7.70 13.17
CA ALA A 143 -1.88 -8.85 12.76
C ALA A 143 -2.79 -9.87 12.10
N LEU A 144 -2.27 -10.59 11.08
CA LEU A 144 -3.09 -11.58 10.38
C LEU A 144 -3.01 -12.89 11.16
N VAL A 145 -4.12 -13.21 11.82
CA VAL A 145 -4.28 -14.39 12.65
C VAL A 145 -5.67 -14.95 12.37
N SER A 146 -5.70 -16.15 11.76
CA SER A 146 -6.94 -16.86 11.46
C SER A 146 -7.38 -17.56 12.72
N GLU A 147 -8.63 -17.35 13.09
CA GLU A 147 -9.27 -17.94 14.27
C GLU A 147 -10.65 -18.45 13.89
N THR A 148 -11.21 -19.32 14.74
CA THR A 148 -12.55 -19.86 14.54
C THR A 148 -13.52 -18.79 15.07
N ILE A 149 -14.39 -18.26 14.18
CA ILE A 149 -15.33 -17.18 14.49
C ILE A 149 -16.75 -17.47 13.93
N LYS A 150 -17.80 -17.15 14.75
CA LYS A 150 -19.21 -17.34 14.42
C LYS A 150 -19.74 -16.14 13.64
N ALA A 151 -20.37 -16.40 12.47
CA ALA A 151 -20.93 -15.41 11.52
C ALA A 151 -21.68 -14.22 12.18
N ASN A 152 -22.56 -14.51 13.18
CA ASN A 152 -23.33 -13.48 13.88
C ASN A 152 -22.41 -12.46 14.57
N GLN A 153 -21.33 -12.93 15.25
CA GLN A 153 -20.37 -12.07 15.93
C GLN A 153 -19.60 -11.23 14.92
N LEU A 154 -19.09 -11.91 13.89
CA LEU A 154 -18.27 -11.36 12.83
C LEU A 154 -18.94 -10.19 12.11
N TRP A 155 -20.21 -10.33 11.67
CA TRP A 155 -20.85 -9.31 10.84
C TRP A 155 -21.99 -8.49 11.44
N SER A 156 -22.40 -8.74 12.70
CA SER A 156 -23.51 -7.95 13.26
C SER A 156 -23.18 -6.44 13.35
N GLU A 157 -21.98 -6.07 13.85
CA GLU A 157 -21.57 -4.67 13.95
C GLU A 157 -21.59 -3.97 12.59
N VAL A 158 -21.04 -4.62 11.54
CA VAL A 158 -21.00 -4.11 10.17
C VAL A 158 -22.41 -3.70 9.74
N LEU A 159 -23.37 -4.62 9.89
CA LEU A 159 -24.78 -4.47 9.51
C LEU A 159 -25.50 -3.40 10.32
N ASP A 160 -25.26 -3.33 11.64
CA ASP A 160 -25.87 -2.32 12.51
C ASP A 160 -25.38 -0.92 12.10
N ASN A 161 -24.07 -0.79 11.83
CA ASN A 161 -23.45 0.47 11.38
C ASN A 161 -23.95 0.87 10.00
N ALA A 162 -24.18 -0.13 9.12
CA ALA A 162 -24.70 0.10 7.77
C ALA A 162 -26.10 0.68 7.84
N ALA A 163 -26.91 0.23 8.84
CA ALA A 163 -28.27 0.71 9.08
C ALA A 163 -28.26 2.16 9.55
N PHE A 164 -27.27 2.54 10.39
CA PHE A 164 -27.12 3.92 10.88
C PHE A 164 -26.80 4.85 9.70
N GLU A 165 -25.83 4.44 8.85
CA GLU A 165 -25.38 5.18 7.66
C GLU A 165 -26.54 5.36 6.68
N ALA A 166 -27.32 4.28 6.44
CA ALA A 166 -28.47 4.27 5.53
C ALA A 166 -29.55 5.24 6.02
N GLU A 167 -29.81 5.26 7.34
CA GLU A 167 -30.79 6.11 8.01
C GLU A 167 -30.43 7.59 7.78
N GLN A 168 -29.13 7.91 7.86
CA GLN A 168 -28.61 9.25 7.64
C GLN A 168 -28.75 9.67 6.18
N MET A 169 -28.47 8.75 5.24
CA MET A 169 -28.59 8.96 3.79
C MET A 169 -30.03 9.15 3.32
N GLY A 170 -30.99 8.72 4.13
CA GLY A 170 -32.41 8.78 3.80
C GLY A 170 -32.87 7.52 3.07
N LYS A 171 -31.97 6.53 2.97
CA LYS A 171 -32.20 5.25 2.30
C LYS A 171 -32.63 4.18 3.31
N SER A 172 -33.02 2.98 2.85
CA SER A 172 -33.44 1.92 3.75
C SER A 172 -32.59 0.68 3.57
N LEU A 173 -32.22 0.06 4.70
CA LEU A 173 -31.48 -1.19 4.74
C LEU A 173 -32.35 -2.23 5.42
N THR A 174 -32.54 -3.36 4.74
CA THR A 174 -33.36 -4.47 5.22
C THR A 174 -32.52 -5.74 5.27
N VAL A 175 -32.51 -6.41 6.43
CA VAL A 175 -31.81 -7.68 6.58
C VAL A 175 -32.88 -8.76 6.56
N ASN A 176 -33.05 -9.36 5.38
CA ASN A 176 -34.02 -10.39 5.05
C ASN A 176 -33.87 -11.64 5.92
N PHE A 177 -32.62 -12.01 6.21
CA PHE A 177 -32.30 -13.14 7.08
C PHE A 177 -30.93 -12.85 7.68
N PRO A 178 -30.85 -12.83 9.03
CA PRO A 178 -29.58 -12.44 9.66
C PRO A 178 -28.59 -13.59 9.84
N PRO A 179 -27.28 -13.27 10.05
CA PRO A 179 -26.33 -14.35 10.27
C PRO A 179 -26.55 -14.99 11.63
N GLY A 180 -26.31 -16.30 11.69
CA GLY A 180 -26.43 -17.06 12.91
C GLY A 180 -25.08 -17.42 13.50
N PRO A 181 -25.05 -18.32 14.52
CA PRO A 181 -23.76 -18.73 15.09
C PRO A 181 -23.16 -19.82 14.21
N TRP A 182 -22.80 -19.44 12.99
CA TRP A 182 -22.29 -20.40 12.02
C TRP A 182 -20.80 -20.34 12.02
N PRO A 183 -20.13 -21.49 12.29
CA PRO A 183 -18.67 -21.49 12.40
C PRO A 183 -17.91 -21.29 11.08
N LEU A 184 -17.04 -20.28 11.07
CA LEU A 184 -16.14 -19.94 9.95
C LEU A 184 -14.72 -20.01 10.44
N TYR A 185 -13.77 -20.15 9.53
CA TYR A 185 -12.36 -20.08 9.90
C TYR A 185 -11.64 -19.05 9.04
N GLY A 186 -11.07 -18.05 9.70
CA GLY A 186 -10.31 -17.03 8.98
C GLY A 186 -9.94 -15.83 9.81
N ASN A 187 -9.51 -14.77 9.10
CA ASN A 187 -9.10 -13.51 9.70
C ASN A 187 -10.32 -12.61 9.82
N PRO A 188 -10.79 -12.35 11.07
CA PRO A 188 -12.03 -11.58 11.26
C PRO A 188 -12.05 -10.21 10.57
N ASN A 189 -10.96 -9.44 10.66
CA ASN A 189 -10.91 -8.11 10.06
C ASN A 189 -11.07 -8.15 8.53
N ALA A 190 -10.42 -9.12 7.86
CA ALA A 190 -10.52 -9.26 6.40
C ALA A 190 -11.95 -9.54 5.98
N LEU A 191 -12.66 -10.42 6.74
CA LEU A 191 -14.04 -10.81 6.43
C LEU A 191 -15.02 -9.70 6.81
N GLU A 192 -14.72 -8.88 7.84
CA GLU A 192 -15.58 -7.75 8.20
C GLU A 192 -15.57 -6.76 7.05
N SER A 193 -14.33 -6.37 6.64
CA SER A 193 -13.98 -5.48 5.55
C SER A 193 -14.59 -5.97 4.23
N ALA A 194 -14.59 -7.30 4.01
CA ALA A 194 -15.16 -7.95 2.82
C ALA A 194 -16.64 -7.60 2.69
N LEU A 195 -17.44 -7.73 3.78
CA LEU A 195 -18.86 -7.40 3.75
C LEU A 195 -19.05 -5.88 3.71
N GLU A 196 -18.33 -5.15 4.56
CA GLU A 196 -18.44 -3.70 4.69
C GLU A 196 -18.26 -2.98 3.36
N ASN A 197 -17.28 -3.40 2.55
CA ASN A 197 -17.03 -2.80 1.25
C ASN A 197 -18.21 -2.97 0.31
N ILE A 198 -18.83 -4.15 0.33
CA ILE A 198 -19.99 -4.50 -0.50
C ILE A 198 -21.24 -3.70 -0.09
N VAL A 199 -21.48 -3.55 1.23
CA VAL A 199 -22.69 -2.86 1.68
C VAL A 199 -22.48 -1.35 1.56
N ARG A 200 -21.25 -0.84 1.79
CA ARG A 200 -20.97 0.60 1.69
C ARG A 200 -21.06 1.06 0.23
N ASN A 201 -20.62 0.22 -0.73
CA ASN A 201 -20.79 0.46 -2.17
C ASN A 201 -22.29 0.58 -2.50
N ALA A 202 -23.10 -0.36 -1.96
CA ALA A 202 -24.54 -0.40 -2.15
C ALA A 202 -25.22 0.83 -1.58
N LEU A 203 -24.84 1.29 -0.35
CA LEU A 203 -25.42 2.51 0.24
C LEU A 203 -25.21 3.71 -0.69
N ARG A 204 -24.06 3.75 -1.40
CA ARG A 204 -23.69 4.81 -2.33
C ARG A 204 -24.53 4.77 -3.63
N TYR A 205 -24.48 3.65 -4.40
CA TYR A 205 -25.11 3.51 -5.72
C TYR A 205 -26.59 3.18 -5.70
N SER A 206 -27.19 2.83 -4.54
CA SER A 206 -28.63 2.56 -4.47
C SER A 206 -29.43 3.83 -4.63
N HIS A 207 -30.67 3.72 -5.13
CA HIS A 207 -31.52 4.90 -5.25
C HIS A 207 -32.23 5.13 -3.93
N THR A 208 -32.90 4.09 -3.41
CA THR A 208 -33.64 4.21 -2.15
C THR A 208 -33.42 3.04 -1.20
N LYS A 209 -33.22 1.81 -1.70
CA LYS A 209 -33.13 0.66 -0.81
C LYS A 209 -31.93 -0.26 -1.06
N ILE A 210 -31.49 -0.90 0.04
CA ILE A 210 -30.44 -1.91 0.15
C ILE A 210 -31.04 -3.10 0.92
N GLU A 211 -30.64 -4.33 0.56
CA GLU A 211 -31.08 -5.55 1.22
C GLU A 211 -29.92 -6.51 1.39
N VAL A 212 -29.81 -7.10 2.59
CA VAL A 212 -28.76 -8.08 2.91
C VAL A 212 -29.47 -9.36 3.37
N GLY A 213 -29.02 -10.50 2.85
CA GLY A 213 -29.60 -11.80 3.16
C GLY A 213 -28.59 -12.90 3.35
N PHE A 214 -28.69 -13.60 4.49
CA PHE A 214 -27.84 -14.72 4.84
C PHE A 214 -28.58 -16.03 4.63
N ALA A 215 -27.83 -17.08 4.27
CA ALA A 215 -28.30 -18.45 4.04
C ALA A 215 -27.24 -19.43 4.49
N VAL A 216 -27.63 -20.44 5.24
CA VAL A 216 -26.72 -21.46 5.74
C VAL A 216 -27.19 -22.84 5.24
N ASP A 217 -26.22 -23.75 5.18
CA ASP A 217 -26.24 -25.09 4.63
C ASP A 217 -25.12 -25.91 5.31
N LYS A 218 -25.13 -27.22 5.17
CA LYS A 218 -24.10 -28.11 5.71
C LYS A 218 -22.71 -27.75 5.17
N ASP A 219 -22.63 -27.16 3.96
CA ASP A 219 -21.35 -26.84 3.30
C ASP A 219 -20.82 -25.40 3.60
N GLY A 220 -21.70 -24.42 3.61
CA GLY A 220 -21.28 -23.05 3.85
C GLY A 220 -22.37 -22.00 4.02
N ILE A 221 -21.93 -20.72 4.08
CA ILE A 221 -22.78 -19.52 4.24
C ILE A 221 -22.83 -18.75 2.93
N THR A 222 -24.02 -18.27 2.54
CA THR A 222 -24.18 -17.48 1.32
C THR A 222 -24.75 -16.10 1.69
N ILE A 223 -23.95 -15.04 1.48
CA ILE A 223 -24.38 -13.66 1.76
C ILE A 223 -24.76 -12.98 0.48
N THR A 224 -26.00 -12.46 0.38
CA THR A 224 -26.49 -11.77 -0.81
C THR A 224 -26.82 -10.31 -0.48
N VAL A 225 -26.18 -9.35 -1.19
CA VAL A 225 -26.43 -7.90 -1.02
C VAL A 225 -27.07 -7.37 -2.31
N ASP A 226 -28.18 -6.64 -2.18
CA ASP A 226 -28.95 -6.08 -3.30
C ASP A 226 -29.17 -4.56 -3.14
N ASP A 227 -29.30 -3.85 -4.26
CA ASP A 227 -29.59 -2.40 -4.29
C ASP A 227 -30.57 -2.12 -5.42
N ASP A 228 -31.35 -1.04 -5.29
CA ASP A 228 -32.34 -0.62 -6.28
C ASP A 228 -31.78 0.47 -7.22
N GLY A 229 -30.49 0.77 -7.08
CA GLY A 229 -29.82 1.78 -7.90
C GLY A 229 -29.51 1.27 -9.30
N PRO A 230 -28.65 1.98 -10.06
CA PRO A 230 -28.28 1.45 -11.39
C PRO A 230 -27.45 0.19 -11.20
N GLY A 231 -27.47 -0.68 -12.19
CA GLY A 231 -26.69 -1.89 -12.06
C GLY A 231 -25.27 -1.68 -12.53
N VAL A 232 -24.77 -2.71 -13.19
CA VAL A 232 -23.48 -2.81 -13.85
C VAL A 232 -23.77 -3.69 -15.07
N SER A 233 -23.44 -3.21 -16.28
CA SER A 233 -23.64 -3.95 -17.52
C SER A 233 -23.01 -5.35 -17.38
N PRO A 234 -23.63 -6.41 -17.96
CA PRO A 234 -23.06 -7.77 -17.80
C PRO A 234 -21.56 -7.88 -18.10
N GLU A 235 -21.06 -7.08 -19.08
CA GLU A 235 -19.64 -7.07 -19.48
C GLU A 235 -18.73 -6.60 -18.35
N ASP A 236 -19.13 -5.52 -17.65
CA ASP A 236 -18.35 -4.93 -16.58
C ASP A 236 -18.35 -5.78 -15.29
N ARG A 237 -19.28 -6.72 -15.14
CA ARG A 237 -19.44 -7.58 -13.96
C ARG A 237 -18.25 -8.47 -13.59
N GLU A 238 -17.33 -8.72 -14.55
CA GLU A 238 -16.14 -9.52 -14.29
C GLU A 238 -15.00 -8.61 -13.94
N GLN A 239 -14.99 -7.43 -14.55
CA GLN A 239 -13.92 -6.47 -14.38
C GLN A 239 -14.02 -5.69 -13.06
N ILE A 240 -15.23 -5.40 -12.56
CA ILE A 240 -15.46 -4.65 -11.31
C ILE A 240 -14.61 -5.16 -10.13
N PHE A 241 -14.09 -6.40 -10.17
CA PHE A 241 -13.26 -6.97 -9.08
C PHE A 241 -11.75 -6.67 -9.23
N ARG A 242 -11.33 -6.18 -10.41
CA ARG A 242 -9.97 -5.79 -10.73
C ARG A 242 -9.59 -4.54 -9.92
N PRO A 243 -8.32 -4.38 -9.44
CA PRO A 243 -7.94 -3.13 -8.74
C PRO A 243 -8.03 -1.92 -9.67
N PHE A 244 -8.48 -0.77 -9.18
CA PHE A 244 -8.60 0.51 -9.93
C PHE A 244 -9.61 0.45 -11.10
N TYR A 245 -10.43 -0.60 -11.18
CA TYR A 245 -11.45 -0.66 -12.20
C TYR A 245 -12.72 -0.04 -11.68
N ARG A 246 -13.11 1.07 -12.29
CA ARG A 246 -14.33 1.81 -12.02
C ARG A 246 -15.11 1.87 -13.32
N THR A 247 -16.44 1.81 -13.29
CA THR A 247 -17.19 1.93 -14.55
C THR A 247 -17.22 3.41 -14.90
N ASP A 248 -17.23 3.73 -16.21
CA ASP A 248 -17.27 5.10 -16.74
C ASP A 248 -18.44 5.89 -16.14
N GLU A 249 -19.51 5.17 -15.73
CA GLU A 249 -20.71 5.70 -15.09
C GLU A 249 -20.39 6.15 -13.63
N ALA A 250 -19.58 5.34 -12.90
CA ALA A 250 -19.15 5.63 -11.53
C ALA A 250 -18.03 6.65 -11.49
N ARG A 251 -17.21 6.72 -12.58
CA ARG A 251 -16.10 7.67 -12.76
C ARG A 251 -16.65 9.11 -12.87
N ASP A 252 -17.88 9.25 -13.43
CA ASP A 252 -18.57 10.53 -13.61
C ASP A 252 -19.13 11.01 -12.26
N ARG A 253 -19.65 10.08 -11.40
CA ARG A 253 -20.20 10.35 -10.06
C ARG A 253 -19.24 11.21 -9.19
N GLU A 254 -17.96 10.75 -9.05
CA GLU A 254 -16.88 11.35 -8.25
C GLU A 254 -17.34 11.53 -6.78
N SER A 255 -17.48 10.38 -6.09
CA SER A 255 -17.95 10.25 -4.69
C SER A 255 -17.41 8.93 -4.05
N GLY A 256 -16.35 8.36 -4.64
CA GLY A 256 -15.68 7.15 -4.16
C GLY A 256 -14.19 7.10 -4.46
N GLY A 257 -13.50 6.08 -3.93
CA GLY A 257 -12.07 5.86 -4.10
C GLY A 257 -11.66 5.51 -5.52
N THR A 258 -10.39 5.12 -5.74
CA THR A 258 -9.90 4.84 -7.10
C THR A 258 -10.38 3.48 -7.67
N GLY A 259 -10.96 2.63 -6.82
CA GLY A 259 -11.49 1.32 -7.22
C GLY A 259 -10.77 0.13 -6.64
N LEU A 260 -10.58 0.13 -5.32
CA LEU A 260 -9.93 -0.96 -4.62
C LEU A 260 -10.93 -1.85 -3.84
N GLY A 261 -12.10 -1.29 -3.50
CA GLY A 261 -13.15 -1.96 -2.72
C GLY A 261 -13.39 -3.42 -3.02
N LEU A 262 -13.74 -3.73 -4.28
CA LEU A 262 -14.06 -5.10 -4.71
C LEU A 262 -12.82 -5.95 -4.96
N ALA A 263 -11.66 -5.31 -5.10
CA ALA A 263 -10.39 -6.03 -5.25
C ALA A 263 -10.00 -6.58 -3.86
N ILE A 264 -10.22 -5.79 -2.79
CA ILE A 264 -10.03 -6.19 -1.39
C ILE A 264 -11.00 -7.37 -1.10
N VAL A 265 -12.24 -7.26 -1.60
CA VAL A 265 -13.27 -8.27 -1.42
C VAL A 265 -12.83 -9.59 -2.08
N GLU A 266 -12.58 -9.60 -3.42
CA GLU A 266 -12.20 -10.82 -4.15
C GLU A 266 -11.00 -11.52 -3.49
N THR A 267 -9.96 -10.74 -3.14
CA THR A 267 -8.75 -11.24 -2.50
C THR A 267 -9.08 -11.92 -1.16
N ALA A 268 -9.77 -11.19 -0.24
CA ALA A 268 -10.13 -11.72 1.07
C ALA A 268 -10.91 -13.02 0.94
N ILE A 269 -11.96 -13.00 0.11
CA ILE A 269 -12.82 -14.14 0.00
C ILE A 269 -12.11 -15.36 -0.64
N GLN A 270 -11.27 -15.17 -1.66
CA GLN A 270 -10.50 -16.30 -2.22
C GLN A 270 -9.52 -16.88 -1.18
N GLN A 271 -8.86 -15.99 -0.40
CA GLN A 271 -7.92 -16.36 0.68
C GLN A 271 -8.63 -17.11 1.80
N HIS A 272 -9.96 -16.91 1.91
CA HIS A 272 -10.79 -17.54 2.91
C HIS A 272 -11.57 -18.76 2.36
N ARG A 273 -11.08 -19.30 1.23
CA ARG A 273 -11.52 -20.51 0.54
C ARG A 273 -12.98 -20.44 0.03
N GLY A 274 -13.44 -19.22 -0.24
CA GLY A 274 -14.78 -18.97 -0.75
C GLY A 274 -14.77 -18.37 -2.15
N TRP A 275 -15.90 -17.76 -2.56
CA TRP A 275 -16.06 -17.10 -3.86
C TRP A 275 -16.99 -15.88 -3.77
N VAL A 276 -16.85 -14.94 -4.74
CA VAL A 276 -17.65 -13.71 -4.90
C VAL A 276 -18.19 -13.69 -6.33
N LYS A 277 -19.38 -13.10 -6.53
CA LYS A 277 -20.06 -12.98 -7.82
C LYS A 277 -20.86 -11.70 -7.88
N ALA A 278 -20.89 -11.07 -9.05
CA ALA A 278 -21.74 -9.92 -9.34
C ALA A 278 -22.83 -10.39 -10.29
N GLU A 279 -24.09 -10.07 -9.97
CA GLU A 279 -25.26 -10.48 -10.75
C GLU A 279 -26.29 -9.36 -10.84
N ASP A 280 -27.37 -9.62 -11.59
CA ASP A 280 -28.52 -8.73 -11.67
C ASP A 280 -29.27 -8.83 -10.37
N SER A 281 -29.73 -7.70 -9.84
CA SER A 281 -30.49 -7.75 -8.61
C SER A 281 -31.97 -7.68 -8.91
N PRO A 282 -32.80 -8.46 -8.18
CA PRO A 282 -34.25 -8.37 -8.36
C PRO A 282 -34.77 -6.95 -8.06
N LEU A 283 -34.00 -6.17 -7.25
CA LEU A 283 -34.34 -4.78 -6.89
C LEU A 283 -34.01 -3.81 -8.04
N GLY A 284 -33.37 -4.29 -9.10
CA GLY A 284 -33.03 -3.49 -10.27
C GLY A 284 -31.60 -2.99 -10.40
N GLY A 285 -30.81 -3.16 -9.35
CA GLY A 285 -29.44 -2.71 -9.34
C GLY A 285 -28.40 -3.81 -9.45
N LEU A 286 -27.52 -3.87 -8.44
CA LEU A 286 -26.45 -4.86 -8.40
C LEU A 286 -26.64 -5.86 -7.25
N ARG A 287 -26.31 -7.12 -7.53
CA ARG A 287 -26.34 -8.20 -6.60
C ARG A 287 -24.92 -8.71 -6.41
N LEU A 288 -24.48 -8.74 -5.17
CA LEU A 288 -23.17 -9.28 -4.85
C LEU A 288 -23.39 -10.46 -3.94
N VAL A 289 -22.83 -11.61 -4.33
CA VAL A 289 -23.00 -12.86 -3.61
C VAL A 289 -21.67 -13.38 -3.13
N ILE A 290 -21.53 -13.52 -1.81
CA ILE A 290 -20.35 -14.10 -1.18
C ILE A 290 -20.72 -15.49 -0.70
N TRP A 291 -19.90 -16.48 -1.04
CA TRP A 291 -20.04 -17.80 -0.46
C TRP A 291 -18.78 -18.13 0.31
N LEU A 292 -18.94 -18.61 1.55
CA LEU A 292 -17.81 -18.99 2.40
C LEU A 292 -18.05 -20.35 3.03
N PRO A 293 -17.03 -21.22 3.15
CA PRO A 293 -17.27 -22.55 3.73
C PRO A 293 -17.47 -22.56 5.23
N LEU A 294 -18.13 -23.62 5.76
CA LEU A 294 -18.31 -23.83 7.20
C LEU A 294 -17.11 -24.54 7.78
N TYR A 295 -16.76 -24.21 9.03
CA TYR A 295 -15.65 -24.88 9.72
C TYR A 295 -16.22 -25.79 10.81
N LYS A 296 -15.78 -27.07 10.86
CA LYS A 296 -16.23 -28.05 11.85
C LYS A 296 -15.06 -28.93 12.35
N GLY B 55 -3.31 -38.38 10.44
CA GLY B 55 -2.25 -37.59 11.07
C GLY B 55 -2.77 -36.28 11.63
N PRO B 56 -2.09 -35.11 11.39
CA PRO B 56 -2.64 -33.84 11.89
C PRO B 56 -3.80 -33.36 11.02
N GLN B 57 -4.52 -32.33 11.50
CA GLN B 57 -5.70 -31.75 10.88
C GLN B 57 -5.47 -31.55 9.38
N GLU B 58 -6.16 -32.34 8.55
CA GLU B 58 -6.02 -32.29 7.09
C GLU B 58 -6.83 -31.12 6.49
N PHE B 59 -7.03 -31.10 5.17
CA PHE B 59 -7.74 -29.99 4.56
C PHE B 59 -9.25 -30.18 4.47
N LEU B 60 -9.96 -29.12 4.86
CA LEU B 60 -11.42 -29.08 4.85
C LEU B 60 -11.89 -27.66 4.44
N ALA B 61 -12.67 -27.66 3.35
CA ALA B 61 -13.34 -26.54 2.74
C ALA B 61 -14.85 -26.81 2.91
N ALA B 62 -15.37 -27.92 2.36
CA ALA B 62 -16.78 -28.40 2.46
C ALA B 62 -16.83 -29.86 1.95
N GLY B 63 -18.02 -30.52 1.90
CA GLY B 63 -18.18 -31.86 1.31
C GLY B 63 -17.96 -31.73 -0.20
N ALA B 64 -16.70 -31.46 -0.63
CA ALA B 64 -16.19 -31.13 -1.98
C ALA B 64 -15.16 -32.11 -2.51
N SER B 65 -15.03 -32.18 -3.84
CA SER B 65 -14.10 -33.07 -4.52
C SER B 65 -12.67 -32.62 -4.35
N PHE B 66 -11.73 -33.52 -4.63
CA PHE B 66 -10.31 -33.26 -4.58
C PHE B 66 -9.98 -32.14 -5.57
N ASN B 67 -10.66 -32.17 -6.73
CA ASN B 67 -10.54 -31.19 -7.81
C ASN B 67 -10.90 -29.80 -7.32
N GLN B 68 -12.02 -29.68 -6.56
CA GLN B 68 -12.44 -28.41 -5.97
C GLN B 68 -11.46 -27.96 -4.92
N VAL B 69 -10.89 -28.94 -4.13
CA VAL B 69 -9.88 -28.74 -3.06
C VAL B 69 -8.66 -28.12 -3.66
N VAL B 70 -8.20 -28.61 -4.83
CA VAL B 70 -6.96 -28.09 -5.41
C VAL B 70 -7.16 -26.68 -5.98
N THR B 71 -8.29 -26.40 -6.69
CA THR B 71 -8.49 -25.07 -7.26
C THR B 71 -8.65 -24.07 -6.10
N ALA B 72 -9.43 -24.44 -5.06
CA ALA B 72 -9.59 -23.59 -3.85
C ALA B 72 -8.26 -23.22 -3.25
N LEU B 73 -7.35 -24.23 -3.15
CA LEU B 73 -6.01 -24.09 -2.61
C LEU B 73 -5.13 -23.20 -3.49
N GLU B 74 -5.23 -23.36 -4.83
CA GLU B 74 -4.44 -22.54 -5.74
C GLU B 74 -4.88 -21.09 -5.56
N ARG B 75 -6.20 -20.84 -5.70
CA ARG B 75 -6.81 -19.51 -5.62
C ARG B 75 -6.45 -18.81 -4.30
N MET B 76 -6.47 -19.54 -3.16
CA MET B 76 -6.14 -19.05 -1.82
C MET B 76 -4.73 -18.58 -1.70
N MET B 77 -3.78 -19.34 -2.23
CA MET B 77 -2.35 -18.99 -2.05
C MET B 77 -1.79 -17.99 -3.06
N THR B 78 -2.41 -17.87 -4.25
CA THR B 78 -1.93 -17.00 -5.31
C THR B 78 -2.72 -15.68 -5.35
N SER B 79 -3.67 -15.54 -4.44
CA SER B 79 -4.55 -14.39 -4.38
C SER B 79 -3.80 -13.08 -4.16
N GLN B 80 -2.88 -13.03 -3.18
CA GLN B 80 -2.14 -11.79 -2.90
C GLN B 80 -1.15 -11.46 -4.04
N GLN B 81 -0.45 -12.47 -4.62
CA GLN B 81 0.48 -12.31 -5.76
C GLN B 81 -0.25 -11.61 -6.93
N ARG B 82 -1.39 -12.20 -7.33
CA ARG B 82 -2.27 -11.70 -8.40
C ARG B 82 -2.70 -10.25 -8.15
N LEU B 83 -3.01 -9.88 -6.86
CA LEU B 83 -3.42 -8.53 -6.50
C LEU B 83 -2.26 -7.55 -6.78
N LEU B 84 -1.06 -7.87 -6.30
CA LEU B 84 0.14 -7.07 -6.45
C LEU B 84 0.55 -6.94 -7.95
N SER B 85 0.45 -8.03 -8.75
CA SER B 85 0.79 -7.94 -10.17
C SER B 85 -0.27 -7.11 -10.92
N ASP B 86 -1.54 -7.18 -10.46
CA ASP B 86 -2.63 -6.39 -11.04
C ASP B 86 -2.47 -4.91 -10.70
N ILE B 87 -2.04 -4.57 -9.48
CA ILE B 87 -1.80 -3.18 -9.08
C ILE B 87 -0.64 -2.62 -9.93
N SER B 88 0.46 -3.39 -10.12
CA SER B 88 1.60 -2.99 -10.94
C SER B 88 1.20 -2.65 -12.36
N HIS B 89 0.35 -3.51 -13.02
CA HIS B 89 -0.13 -3.29 -14.39
C HIS B 89 -0.98 -2.03 -14.47
N GLU B 90 -1.79 -1.77 -13.41
CA GLU B 90 -2.70 -0.63 -13.37
C GLU B 90 -1.97 0.69 -13.11
N LEU B 91 -0.86 0.67 -12.37
CA LEU B 91 -0.04 1.87 -12.13
C LEU B 91 0.77 2.27 -13.37
N ARG B 92 1.24 1.25 -14.10
CA ARG B 92 2.08 1.34 -15.28
C ARG B 92 1.40 2.12 -16.40
N THR B 93 0.07 1.91 -16.62
CA THR B 93 -0.63 2.58 -17.72
C THR B 93 -0.65 4.12 -17.56
N PRO B 94 -1.04 4.78 -16.42
CA PRO B 94 -0.90 6.26 -16.38
C PRO B 94 0.55 6.74 -16.54
N LEU B 95 1.53 5.94 -16.06
CA LEU B 95 2.95 6.25 -16.20
C LEU B 95 3.39 6.20 -17.65
N THR B 96 3.02 5.13 -18.39
CA THR B 96 3.36 5.02 -19.82
C THR B 96 2.80 6.24 -20.58
N ARG B 97 1.57 6.68 -20.22
CA ARG B 97 0.91 7.85 -20.81
C ARG B 97 1.71 9.09 -20.49
N LEU B 98 2.06 9.25 -19.20
CA LEU B 98 2.89 10.36 -18.72
C LEU B 98 4.19 10.46 -19.55
N GLN B 99 4.84 9.30 -19.77
CA GLN B 99 6.09 9.17 -20.51
C GLN B 99 5.91 9.52 -21.97
N LEU B 100 4.75 9.20 -22.56
CA LEU B 100 4.47 9.59 -23.95
C LEU B 100 4.24 11.10 -24.03
N GLY B 101 3.74 11.70 -22.95
CA GLY B 101 3.55 13.14 -22.83
C GLY B 101 4.87 13.88 -22.84
N THR B 102 5.87 13.40 -22.06
CA THR B 102 7.24 13.95 -21.99
C THR B 102 7.91 13.85 -23.36
N ALA B 103 7.71 12.69 -24.03
CA ALA B 103 8.24 12.39 -25.35
C ALA B 103 7.72 13.37 -26.39
N LEU B 104 6.38 13.59 -26.40
CA LEU B 104 5.68 14.51 -27.30
C LEU B 104 6.11 15.97 -27.03
N LEU B 105 6.34 16.32 -25.77
CA LEU B 105 6.81 17.64 -25.40
C LEU B 105 8.26 17.87 -25.92
N ARG B 106 9.17 16.88 -25.73
CA ARG B 106 10.57 16.94 -26.22
C ARG B 106 10.61 17.05 -27.73
N ARG B 107 9.62 16.45 -28.40
CA ARG B 107 9.49 16.51 -29.84
C ARG B 107 9.14 17.94 -30.25
N ARG B 108 8.13 18.55 -29.60
CA ARG B 108 7.60 19.88 -29.91
C ARG B 108 8.53 21.03 -29.50
N SER B 109 9.07 21.01 -28.27
CA SER B 109 9.83 22.13 -27.74
C SER B 109 11.28 21.78 -27.32
N GLY B 110 11.73 20.58 -27.68
CA GLY B 110 13.09 20.13 -27.37
C GLY B 110 13.44 19.96 -25.90
N GLU B 111 14.72 19.62 -25.66
CA GLU B 111 15.31 19.37 -24.35
C GLU B 111 15.29 20.62 -23.46
N SER B 112 15.19 20.38 -22.15
CA SER B 112 15.08 21.36 -21.08
C SER B 112 15.55 20.73 -19.77
N LYS B 113 16.05 21.57 -18.83
CA LYS B 113 16.49 21.12 -17.50
C LYS B 113 15.29 20.53 -16.75
N GLU B 114 14.12 21.20 -16.87
CA GLU B 114 12.84 20.80 -16.29
C GLU B 114 12.33 19.48 -16.87
N LEU B 115 12.38 19.32 -18.21
CA LEU B 115 11.94 18.10 -18.87
C LEU B 115 12.80 16.90 -18.46
N GLU B 116 14.12 17.11 -18.32
CA GLU B 116 15.10 16.10 -17.90
C GLU B 116 14.74 15.57 -16.52
N ARG B 117 14.31 16.48 -15.61
CA ARG B 117 13.88 16.17 -14.25
C ARG B 117 12.65 15.28 -14.29
N ILE B 118 11.62 15.71 -15.05
CA ILE B 118 10.36 14.97 -15.21
C ILE B 118 10.65 13.57 -15.75
N GLU B 119 11.54 13.46 -16.75
CA GLU B 119 11.88 12.18 -17.39
C GLU B 119 12.61 11.22 -16.44
N THR B 120 13.61 11.72 -15.69
CA THR B 120 14.36 10.85 -14.76
C THR B 120 13.47 10.41 -13.57
N GLU B 121 12.54 11.29 -13.11
CA GLU B 121 11.64 10.94 -12.02
C GLU B 121 10.63 9.89 -12.49
N ALA B 122 10.16 10.03 -13.75
CA ALA B 122 9.25 9.08 -14.38
C ALA B 122 9.95 7.74 -14.51
N GLN B 123 11.26 7.76 -14.78
CA GLN B 123 12.08 6.55 -14.91
C GLN B 123 12.24 5.85 -13.55
N ARG B 124 12.34 6.62 -12.45
CA ARG B 124 12.42 6.06 -11.08
C ARG B 124 11.15 5.27 -10.80
N LEU B 125 9.98 5.89 -11.07
CA LEU B 125 8.63 5.29 -10.90
C LEU B 125 8.51 3.96 -11.65
N ASP B 126 8.93 3.93 -12.94
CA ASP B 126 8.96 2.74 -13.81
C ASP B 126 9.67 1.57 -13.15
N SER B 127 10.87 1.82 -12.58
CA SER B 127 11.66 0.79 -11.93
C SER B 127 10.97 0.24 -10.69
N MET B 128 10.33 1.10 -9.87
CA MET B 128 9.69 0.66 -8.63
C MET B 128 8.43 -0.12 -8.92
N ILE B 129 7.68 0.30 -9.94
CA ILE B 129 6.49 -0.43 -10.39
C ILE B 129 6.95 -1.82 -10.85
N ASN B 130 8.11 -1.91 -11.53
CA ASN B 130 8.67 -3.19 -11.97
C ASN B 130 9.04 -4.08 -10.79
N ASP B 131 9.58 -3.47 -9.71
CA ASP B 131 9.96 -4.19 -8.48
C ASP B 131 8.76 -4.88 -7.87
N LEU B 132 7.63 -4.13 -7.65
CA LEU B 132 6.36 -4.61 -7.10
C LEU B 132 5.94 -5.88 -7.84
N LEU B 133 5.99 -5.87 -9.18
CA LEU B 133 5.66 -7.02 -10.04
C LEU B 133 6.63 -8.23 -9.80
N VAL B 134 7.95 -7.98 -9.90
CA VAL B 134 9.05 -8.95 -9.73
C VAL B 134 9.02 -9.67 -8.36
N MET B 135 8.85 -8.94 -7.25
CA MET B 135 8.86 -9.52 -5.90
C MET B 135 7.48 -9.92 -5.34
N SER B 136 6.39 -9.69 -6.13
CA SER B 136 5.01 -10.09 -5.83
C SER B 136 4.93 -11.60 -5.68
N ARG B 137 5.50 -12.32 -6.66
CA ARG B 137 5.48 -13.80 -6.76
C ARG B 137 6.31 -14.45 -5.69
N ASN B 138 7.55 -14.00 -5.53
CA ASN B 138 8.47 -14.55 -4.56
C ASN B 138 8.84 -13.58 -3.48
N GLN B 139 8.39 -13.91 -2.31
CA GLN B 139 8.71 -13.20 -1.09
C GLN B 139 9.43 -14.13 -0.19
N GLN B 140 9.71 -15.33 -0.71
CA GLN B 140 10.40 -16.44 -0.11
C GLN B 140 11.46 -15.87 0.84
N LYS B 141 11.29 -16.22 2.13
CA LYS B 141 12.08 -15.84 3.30
C LYS B 141 12.21 -14.28 3.49
N ASN B 142 11.12 -13.54 3.11
CA ASN B 142 10.98 -12.07 3.12
C ASN B 142 11.91 -11.45 2.02
N ALA B 143 12.71 -10.41 2.36
CA ALA B 143 13.68 -9.73 1.50
C ALA B 143 15.06 -10.38 1.71
N LEU B 144 15.66 -10.92 0.60
CA LEU B 144 16.93 -11.67 0.69
C LEU B 144 18.07 -11.28 -0.31
N VAL B 145 17.95 -10.18 -1.08
CA VAL B 145 19.02 -9.79 -2.00
C VAL B 145 19.96 -8.74 -1.36
N SER B 146 21.29 -8.84 -1.67
CA SER B 146 22.39 -8.00 -1.22
C SER B 146 23.59 -8.02 -2.18
N GLU B 147 24.13 -6.83 -2.44
CA GLU B 147 25.33 -6.66 -3.26
C GLU B 147 26.30 -5.71 -2.56
N THR B 148 27.56 -5.75 -3.00
CA THR B 148 28.58 -4.87 -2.47
C THR B 148 28.44 -3.50 -3.17
N ILE B 149 28.33 -2.42 -2.39
CA ILE B 149 28.21 -1.04 -2.86
C ILE B 149 29.14 -0.12 -2.05
N LYS B 150 29.57 0.98 -2.69
CA LYS B 150 30.37 2.08 -2.13
C LYS B 150 29.45 3.25 -1.79
N ALA B 151 29.52 3.75 -0.52
CA ALA B 151 28.72 4.85 0.07
C ALA B 151 28.47 6.04 -0.87
N ASN B 152 29.52 6.53 -1.58
CA ASN B 152 29.42 7.67 -2.50
C ASN B 152 28.43 7.38 -3.64
N GLN B 153 28.48 6.17 -4.24
CA GLN B 153 27.59 5.77 -5.32
C GLN B 153 26.16 5.65 -4.80
N LEU B 154 26.01 4.95 -3.68
CA LEU B 154 24.75 4.67 -3.00
C LEU B 154 23.95 5.93 -2.68
N TRP B 155 24.55 6.96 -2.06
CA TRP B 155 23.82 8.12 -1.58
C TRP B 155 24.04 9.47 -2.29
N SER B 156 24.90 9.55 -3.32
CA SER B 156 25.11 10.85 -3.98
C SER B 156 23.83 11.37 -4.66
N GLU B 157 23.09 10.51 -5.39
CA GLU B 157 21.85 10.90 -6.07
C GLU B 157 20.81 11.43 -5.07
N VAL B 158 20.65 10.73 -3.93
CA VAL B 158 19.73 11.11 -2.84
C VAL B 158 20.00 12.55 -2.42
N LEU B 159 21.28 12.86 -2.11
CA LEU B 159 21.78 14.16 -1.64
C LEU B 159 21.63 15.26 -2.69
N ASP B 160 21.92 14.95 -3.98
CA ASP B 160 21.77 15.91 -5.07
C ASP B 160 20.30 16.29 -5.25
N ASN B 161 19.40 15.27 -5.19
CA ASN B 161 17.94 15.46 -5.31
C ASN B 161 17.41 16.22 -4.10
N ALA B 162 17.98 15.99 -2.90
CA ALA B 162 17.59 16.69 -1.67
C ALA B 162 17.91 18.17 -1.79
N ALA B 163 19.03 18.51 -2.45
CA ALA B 163 19.45 19.90 -2.70
C ALA B 163 18.48 20.59 -3.66
N PHE B 164 17.98 19.88 -4.69
CA PHE B 164 17.00 20.41 -5.65
C PHE B 164 15.70 20.73 -4.93
N GLU B 165 15.22 19.80 -4.09
CA GLU B 165 13.99 19.92 -3.32
C GLU B 165 14.09 21.09 -2.34
N ALA B 166 15.24 21.22 -1.64
CA ALA B 166 15.51 22.28 -0.67
C ALA B 166 15.47 23.65 -1.33
N GLU B 167 16.06 23.74 -2.55
CA GLU B 167 16.12 24.94 -3.37
C GLU B 167 14.71 25.42 -3.71
N GLN B 168 13.82 24.47 -4.05
CA GLN B 168 12.43 24.73 -4.38
C GLN B 168 11.64 25.20 -3.16
N MET B 169 11.89 24.59 -1.99
CA MET B 169 11.24 24.93 -0.73
C MET B 169 11.66 26.29 -0.19
N GLY B 170 12.81 26.80 -0.66
CA GLY B 170 13.37 28.07 -0.21
C GLY B 170 14.28 27.88 0.99
N LYS B 171 14.55 26.61 1.34
CA LYS B 171 15.41 26.22 2.47
C LYS B 171 16.84 25.93 1.99
N SER B 172 17.77 25.70 2.94
CA SER B 172 19.15 25.42 2.60
C SER B 172 19.61 24.07 3.13
N LEU B 173 20.34 23.34 2.28
CA LEU B 173 20.93 22.06 2.59
C LEU B 173 22.44 22.20 2.50
N THR B 174 23.13 21.80 3.59
CA THR B 174 24.58 21.84 3.67
C THR B 174 25.10 20.44 3.98
N VAL B 175 26.05 19.96 3.16
CA VAL B 175 26.69 18.66 3.38
C VAL B 175 28.06 18.97 3.95
N ASN B 176 28.15 18.87 5.28
CA ASN B 176 29.34 19.15 6.09
C ASN B 176 30.51 18.24 5.72
N PHE B 177 30.23 16.97 5.38
CA PHE B 177 31.22 16.01 4.94
C PHE B 177 30.51 14.98 4.08
N PRO B 178 30.95 14.78 2.82
CA PRO B 178 30.22 13.88 1.92
C PRO B 178 30.65 12.42 2.03
N PRO B 179 29.82 11.46 1.55
CA PRO B 179 30.24 10.06 1.60
C PRO B 179 31.36 9.79 0.60
N GLY B 180 32.26 8.88 0.97
CA GLY B 180 33.37 8.46 0.13
C GLY B 180 33.16 7.07 -0.45
N PRO B 181 34.22 6.45 -1.02
CA PRO B 181 34.06 5.10 -1.58
C PRO B 181 34.19 4.06 -0.45
N TRP B 182 33.20 4.05 0.43
CA TRP B 182 33.26 3.24 1.62
C TRP B 182 32.42 2.00 1.43
N PRO B 183 33.04 0.80 1.54
CA PRO B 183 32.29 -0.43 1.27
C PRO B 183 31.23 -0.83 2.29
N LEU B 184 30.07 -1.09 1.72
CA LEU B 184 28.86 -1.56 2.38
C LEU B 184 28.42 -2.81 1.67
N TYR B 185 27.58 -3.65 2.31
CA TYR B 185 27.04 -4.85 1.70
C TYR B 185 25.60 -5.06 2.16
N GLY B 186 24.69 -4.81 1.24
CA GLY B 186 23.27 -4.94 1.49
C GLY B 186 22.43 -4.63 0.27
N ASN B 187 21.15 -4.27 0.51
CA ASN B 187 20.21 -3.94 -0.55
C ASN B 187 20.27 -2.43 -0.80
N PRO B 188 20.81 -2.02 -1.98
CA PRO B 188 20.98 -0.59 -2.26
C PRO B 188 19.72 0.25 -2.13
N ASN B 189 18.58 -0.23 -2.64
CA ASN B 189 17.32 0.53 -2.61
C ASN B 189 16.86 0.79 -1.17
N ALA B 190 17.00 -0.19 -0.26
CA ALA B 190 16.62 -0.05 1.14
C ALA B 190 17.43 1.03 1.81
N LEU B 191 18.76 1.05 1.54
CA LEU B 191 19.68 2.01 2.13
C LEU B 191 19.53 3.40 1.51
N GLU B 192 19.14 3.49 0.21
CA GLU B 192 18.90 4.80 -0.43
C GLU B 192 17.71 5.46 0.25
N SER B 193 16.62 4.68 0.31
CA SER B 193 15.34 5.00 0.92
C SER B 193 15.51 5.37 2.40
N ALA B 194 16.42 4.66 3.10
CA ALA B 194 16.74 4.89 4.50
C ALA B 194 17.23 6.31 4.72
N LEU B 195 18.19 6.81 3.88
CA LEU B 195 18.70 8.17 4.00
C LEU B 195 17.66 9.17 3.51
N GLU B 196 17.05 8.88 2.34
CA GLU B 196 16.10 9.79 1.68
C GLU B 196 14.96 10.17 2.61
N ASN B 197 14.43 9.19 3.37
CA ASN B 197 13.33 9.45 4.27
C ASN B 197 13.72 10.41 5.38
N ILE B 198 14.93 10.27 5.89
CA ILE B 198 15.48 11.11 6.97
C ILE B 198 15.74 12.55 6.49
N VAL B 199 16.31 12.71 5.27
CA VAL B 199 16.60 14.05 4.76
C VAL B 199 15.31 14.72 4.28
N ARG B 200 14.36 13.94 3.68
CA ARG B 200 13.10 14.50 3.21
C ARG B 200 12.28 14.94 4.41
N ASN B 201 12.42 14.24 5.54
CA ASN B 201 11.80 14.61 6.81
C ASN B 201 12.38 15.94 7.23
N ALA B 202 13.72 16.05 7.23
CA ALA B 202 14.44 17.26 7.58
C ALA B 202 14.05 18.45 6.70
N LEU B 203 13.79 18.25 5.39
CA LEU B 203 13.36 19.34 4.49
C LEU B 203 11.96 19.83 4.85
N ARG B 204 11.09 18.91 5.27
CA ARG B 204 9.72 19.27 5.61
C ARG B 204 9.64 20.08 6.91
N TYR B 205 10.11 19.48 8.03
CA TYR B 205 9.97 20.01 9.37
C TYR B 205 10.97 21.12 9.76
N SER B 206 12.02 21.37 8.96
CA SER B 206 12.99 22.44 9.22
C SER B 206 12.35 23.79 8.99
N HIS B 207 12.86 24.83 9.66
CA HIS B 207 12.34 26.17 9.44
C HIS B 207 13.07 26.79 8.25
N THR B 208 14.42 26.77 8.26
CA THR B 208 15.21 27.34 7.17
C THR B 208 16.36 26.46 6.70
N LYS B 209 17.00 25.70 7.62
CA LYS B 209 18.19 24.94 7.23
C LYS B 209 18.19 23.46 7.64
N ILE B 210 18.90 22.67 6.83
CA ILE B 210 19.17 21.24 6.95
C ILE B 210 20.67 21.03 6.78
N GLU B 211 21.24 20.07 7.53
CA GLU B 211 22.65 19.70 7.44
C GLU B 211 22.83 18.21 7.47
N VAL B 212 23.66 17.68 6.57
CA VAL B 212 23.97 16.24 6.47
C VAL B 212 25.49 16.08 6.63
N GLY B 213 25.91 15.12 7.46
CA GLY B 213 27.32 14.86 7.71
C GLY B 213 27.66 13.39 7.78
N PHE B 214 28.67 12.99 7.00
CA PHE B 214 29.19 11.62 6.96
C PHE B 214 30.50 11.55 7.76
N ALA B 215 30.73 10.37 8.37
CA ALA B 215 31.92 10.02 9.14
C ALA B 215 32.22 8.54 8.93
N VAL B 216 33.49 8.24 8.67
CA VAL B 216 33.92 6.85 8.46
C VAL B 216 35.02 6.49 9.48
N ASP B 217 35.15 5.18 9.70
CA ASP B 217 35.98 4.49 10.69
C ASP B 217 36.18 3.03 10.21
N LYS B 218 37.12 2.29 10.80
CA LYS B 218 37.38 0.87 10.49
C LYS B 218 36.13 0.01 10.72
N ASP B 219 35.24 0.44 11.63
CA ASP B 219 34.05 -0.33 12.01
C ASP B 219 32.81 0.01 11.17
N GLY B 220 32.57 1.29 10.90
CA GLY B 220 31.40 1.69 10.12
C GLY B 220 31.30 3.13 9.71
N ILE B 221 30.14 3.47 9.12
CA ILE B 221 29.75 4.81 8.63
C ILE B 221 28.72 5.42 9.56
N THR B 222 28.87 6.71 9.90
CA THR B 222 27.91 7.41 10.75
C THR B 222 27.34 8.61 9.98
N ILE B 223 26.04 8.56 9.66
CA ILE B 223 25.36 9.65 8.96
C ILE B 223 24.56 10.47 9.97
N THR B 224 24.83 11.79 10.05
CA THR B 224 24.11 12.68 10.96
C THR B 224 23.33 13.74 10.17
N VAL B 225 22.00 13.79 10.38
CA VAL B 225 21.11 14.76 9.71
C VAL B 225 20.52 15.69 10.80
N ASP B 226 20.61 17.02 10.56
CA ASP B 226 20.14 18.06 11.48
C ASP B 226 19.19 19.03 10.80
N ASP B 227 18.26 19.63 11.57
CA ASP B 227 17.31 20.64 11.09
C ASP B 227 17.12 21.71 12.14
N ASP B 228 16.75 22.92 11.72
CA ASP B 228 16.55 24.06 12.63
C ASP B 228 15.06 24.25 12.98
N GLY B 229 14.22 23.31 12.55
CA GLY B 229 12.80 23.37 12.82
C GLY B 229 12.44 22.96 14.23
N PRO B 230 11.14 22.66 14.52
CA PRO B 230 10.81 22.17 15.87
C PRO B 230 11.41 20.80 16.06
N GLY B 231 11.66 20.43 17.31
CA GLY B 231 12.23 19.12 17.58
C GLY B 231 11.13 18.08 17.67
N VAL B 232 11.33 17.16 18.58
CA VAL B 232 10.44 16.07 18.98
C VAL B 232 10.72 15.90 20.46
N SER B 233 9.67 15.96 21.31
CA SER B 233 9.83 15.81 22.76
C SER B 233 10.59 14.50 23.06
N PRO B 234 11.47 14.46 24.09
CA PRO B 234 12.24 13.23 24.34
C PRO B 234 11.40 11.95 24.41
N GLU B 235 10.15 12.03 24.91
CA GLU B 235 9.22 10.90 25.03
C GLU B 235 8.84 10.32 23.66
N ASP B 236 8.54 11.20 22.70
CA ASP B 236 8.12 10.81 21.36
C ASP B 236 9.28 10.26 20.50
N ARG B 237 10.55 10.50 20.90
CA ARG B 237 11.77 10.08 20.18
C ARG B 237 11.92 8.56 19.97
N GLU B 238 11.21 7.75 20.75
CA GLU B 238 11.22 6.29 20.65
C GLU B 238 10.05 5.85 19.78
N GLN B 239 8.93 6.59 19.95
CA GLN B 239 7.64 6.41 19.28
C GLN B 239 7.71 6.69 17.77
N ILE B 240 8.44 7.75 17.33
CA ILE B 240 8.55 8.25 15.96
C ILE B 240 8.95 7.16 14.93
N PHE B 241 9.58 6.05 15.36
CA PHE B 241 10.01 4.97 14.47
C PHE B 241 8.90 3.91 14.20
N ARG B 242 7.75 4.02 14.91
CA ARG B 242 6.61 3.10 14.76
C ARG B 242 5.88 3.29 13.43
N PRO B 243 5.33 2.22 12.81
CA PRO B 243 4.57 2.42 11.56
C PRO B 243 3.26 3.17 11.79
N PHE B 244 2.89 4.00 10.79
CA PHE B 244 1.68 4.86 10.68
C PHE B 244 1.49 5.80 11.89
N TYR B 245 2.58 6.07 12.62
CA TYR B 245 2.57 6.98 13.76
C TYR B 245 3.08 8.35 13.35
N ARG B 246 2.40 9.39 13.84
CA ARG B 246 2.73 10.81 13.68
C ARG B 246 2.50 11.50 15.01
N THR B 247 3.27 12.55 15.35
CA THR B 247 3.03 13.29 16.59
C THR B 247 1.76 14.12 16.45
N ASP B 248 1.15 14.49 17.59
CA ASP B 248 -0.06 15.29 17.65
C ASP B 248 0.19 16.70 17.10
N GLU B 249 1.46 17.14 17.13
CA GLU B 249 1.95 18.42 16.62
C GLU B 249 1.95 18.42 15.08
N ALA B 250 2.34 17.29 14.46
CA ALA B 250 2.35 17.11 13.00
C ALA B 250 0.95 16.82 12.46
N ARG B 251 0.06 16.27 13.33
CA ARG B 251 -1.33 15.94 12.98
C ARG B 251 -2.21 17.21 12.95
N ASP B 252 -1.70 18.33 13.52
CA ASP B 252 -2.34 19.65 13.51
C ASP B 252 -1.91 20.43 12.27
N ARG B 253 -0.57 20.51 12.05
CA ARG B 253 0.13 21.16 10.93
C ARG B 253 -0.41 20.67 9.59
N GLU B 254 -0.67 19.33 9.50
CA GLU B 254 -1.23 18.60 8.36
C GLU B 254 -2.27 17.63 8.92
N SER B 255 -3.55 17.75 8.52
CA SER B 255 -4.63 16.89 9.01
C SER B 255 -4.38 15.43 8.62
N GLY B 256 -4.06 14.60 9.62
CA GLY B 256 -3.76 13.18 9.45
C GLY B 256 -2.47 12.94 8.67
N GLY B 257 -2.52 11.97 7.74
CA GLY B 257 -1.40 11.60 6.89
C GLY B 257 -0.72 10.28 7.24
N THR B 258 0.20 9.84 6.35
CA THR B 258 1.00 8.62 6.49
C THR B 258 2.05 8.80 7.59
N GLY B 259 2.51 7.70 8.16
CA GLY B 259 3.56 7.73 9.19
C GLY B 259 4.50 6.56 9.03
N LEU B 260 4.90 6.25 7.78
CA LEU B 260 5.73 5.08 7.45
C LEU B 260 7.23 5.39 7.33
N GLY B 261 7.57 6.63 7.01
CA GLY B 261 8.94 7.09 6.77
C GLY B 261 10.03 6.49 7.66
N LEU B 262 9.92 6.73 8.97
CA LEU B 262 10.93 6.29 9.94
C LEU B 262 10.79 4.81 10.27
N ALA B 263 9.65 4.19 9.96
CA ALA B 263 9.45 2.75 10.14
C ALA B 263 10.24 2.01 9.06
N ILE B 264 10.22 2.54 7.82
CA ILE B 264 10.99 2.04 6.68
C ILE B 264 12.50 2.17 7.03
N VAL B 265 12.86 3.31 7.65
CA VAL B 265 14.23 3.60 8.08
C VAL B 265 14.69 2.58 9.12
N GLU B 266 13.99 2.48 10.29
CA GLU B 266 14.37 1.55 11.35
C GLU B 266 14.54 0.11 10.83
N THR B 267 13.61 -0.35 10.00
CA THR B 267 13.62 -1.69 9.42
C THR B 267 14.86 -1.90 8.53
N ALA B 268 15.10 -1.03 7.52
CA ALA B 268 16.23 -1.16 6.60
C ALA B 268 17.60 -1.14 7.30
N ILE B 269 17.78 -0.23 8.26
CA ILE B 269 19.04 -0.11 8.97
C ILE B 269 19.25 -1.33 9.89
N GLN B 270 18.20 -1.79 10.62
CA GLN B 270 18.36 -2.99 11.49
C GLN B 270 18.68 -4.24 10.65
N GLN B 271 18.01 -4.40 9.49
CA GLN B 271 18.22 -5.52 8.56
C GLN B 271 19.65 -5.51 7.99
N HIS B 272 20.29 -4.32 7.98
CA HIS B 272 21.63 -4.12 7.45
C HIS B 272 22.66 -4.08 8.57
N ARG B 273 22.29 -4.59 9.77
CA ARG B 273 23.11 -4.77 10.98
C ARG B 273 23.62 -3.44 11.58
N GLY B 274 22.85 -2.37 11.39
CA GLY B 274 23.17 -1.06 11.93
C GLY B 274 22.16 -0.60 12.97
N TRP B 275 22.14 0.73 13.26
CA TRP B 275 21.23 1.36 14.20
C TRP B 275 20.84 2.79 13.77
N VAL B 276 19.68 3.26 14.26
CA VAL B 276 19.12 4.62 14.06
C VAL B 276 18.82 5.20 15.44
N LYS B 277 18.93 6.53 15.57
CA LYS B 277 18.70 7.26 16.80
C LYS B 277 18.13 8.63 16.49
N ALA B 278 17.20 9.08 17.33
CA ALA B 278 16.65 10.43 17.28
C ALA B 278 17.19 11.16 18.49
N GLU B 279 17.76 12.36 18.31
CA GLU B 279 18.38 13.17 19.37
C GLU B 279 18.05 14.64 19.20
N ASP B 280 18.51 15.46 20.16
CA ASP B 280 18.42 16.91 20.08
C ASP B 280 19.45 17.40 19.07
N SER B 281 19.07 18.37 18.23
CA SER B 281 20.00 18.88 17.23
C SER B 281 20.62 20.18 17.69
N PRO B 282 21.94 20.38 17.45
CA PRO B 282 22.57 21.67 17.76
C PRO B 282 21.91 22.83 17.01
N LEU B 283 21.22 22.54 15.87
CA LEU B 283 20.50 23.52 15.07
C LEU B 283 19.13 23.89 15.70
N GLY B 284 18.73 23.19 16.75
CA GLY B 284 17.49 23.45 17.48
C GLY B 284 16.31 22.54 17.17
N GLY B 285 16.45 21.68 16.17
CA GLY B 285 15.38 20.77 15.77
C GLY B 285 15.62 19.33 16.14
N LEU B 286 15.62 18.48 15.12
CA LEU B 286 15.82 17.05 15.31
C LEU B 286 17.13 16.58 14.65
N ARG B 287 17.77 15.65 15.35
CA ARG B 287 18.98 15.00 14.91
C ARG B 287 18.69 13.52 14.70
N LEU B 288 18.99 13.04 13.51
CA LEU B 288 18.82 11.64 13.21
C LEU B 288 20.20 11.10 12.87
N VAL B 289 20.58 10.02 13.57
CA VAL B 289 21.89 9.43 13.39
C VAL B 289 21.75 7.99 12.94
N ILE B 290 22.30 7.69 11.76
CA ILE B 290 22.35 6.33 11.23
C ILE B 290 23.77 5.83 11.38
N TRP B 291 23.92 4.62 11.93
CA TRP B 291 25.20 3.96 11.94
C TRP B 291 25.07 2.66 11.18
N LEU B 292 26.00 2.38 10.26
CA LEU B 292 25.98 1.15 9.47
C LEU B 292 27.38 0.55 9.46
N PRO B 293 27.53 -0.79 9.54
CA PRO B 293 28.88 -1.38 9.53
C PRO B 293 29.54 -1.37 8.16
N LEU B 294 30.88 -1.49 8.13
CA LEU B 294 31.59 -1.59 6.87
C LEU B 294 31.62 -3.08 6.44
N TYR B 295 32.06 -3.35 5.19
CA TYR B 295 32.14 -4.68 4.62
C TYR B 295 33.60 -5.22 4.59
N LYS B 296 33.77 -6.54 4.91
CA LYS B 296 35.01 -7.32 4.94
C LYS B 296 35.72 -7.31 3.57
PG ANP C . -13.42 2.37 -3.62
O1G ANP C . -14.12 1.12 -3.19
O2G ANP C . -13.51 3.36 -2.49
O3G ANP C . -12.00 2.08 -3.95
PB ANP C . -15.38 2.23 -5.82
O1B ANP C . -16.46 1.89 -4.85
O2B ANP C . -15.93 3.24 -6.91
N3B ANP C . -14.16 2.95 -4.96
PA ANP C . -15.17 -0.64 -6.04
O1A ANP C . -13.93 -1.44 -5.94
O2A ANP C . -15.88 -0.64 -4.69
O3A ANP C . -14.83 0.88 -6.47
O5' ANP C . -16.07 -1.27 -7.16
C5' ANP C . -15.61 -1.21 -8.54
C4' ANP C . -16.68 -0.61 -9.42
O4' ANP C . -17.85 -1.45 -9.45
C3' ANP C . -17.21 0.77 -9.02
O3' ANP C . -16.35 1.83 -9.42
C2' ANP C . -18.55 0.80 -9.76
O2' ANP C . -18.36 1.08 -11.14
C1' ANP C . -19.01 -0.65 -9.63
N9 ANP C . -19.93 -0.89 -8.52
C8 ANP C . -19.64 -1.44 -7.29
N7 ANP C . -20.68 -1.59 -6.51
C5 ANP C . -21.74 -1.09 -7.27
C6 ANP C . -23.13 -0.98 -7.02
N6 ANP C . -23.72 -1.42 -5.91
N1 ANP C . -23.90 -0.42 -7.99
C2 ANP C . -23.31 0.00 -9.12
N3 ANP C . -22.03 -0.07 -9.47
C4 ANP C . -21.28 -0.64 -8.49
MG MG D . -16.01 0.75 -2.99
S SO4 E . -25.99 -32.55 -1.57
O1 SO4 E . -27.22 -32.52 -0.77
O2 SO4 E . -25.45 -31.19 -1.61
O3 SO4 E . -25.05 -33.49 -0.96
O4 SO4 E . -26.29 -32.99 -2.93
S SO4 F . -34.01 -13.97 -4.75
O1 SO4 F . -34.86 -15.11 -4.40
O2 SO4 F . -32.96 -13.86 -3.74
O3 SO4 F . -33.42 -14.25 -6.07
O4 SO4 F . -34.83 -12.74 -4.78
PG ANP G . 5.85 9.99 5.70
O1G ANP G . 5.28 8.61 5.76
O2G ANP G . 7.34 9.93 5.92
O3G ANP G . 5.57 10.61 4.37
PB ANP G . 5.88 11.52 8.23
O1B ANP G . 7.10 12.31 7.82
O2B ANP G . 4.86 12.44 8.99
N3B ANP G . 5.17 10.92 6.87
PA ANP G . 7.73 9.72 9.62
O1A ANP G . 7.71 8.24 9.69
O2A ANP G . 8.77 10.19 8.61
O3A ANP G . 6.30 10.27 9.16
O5' ANP G . 8.02 10.32 11.10
C5' ANP G . 7.04 10.17 12.15
C4' ANP G . 6.80 11.50 12.82
O4' ANP G . 8.00 11.96 13.48
C3' ANP G . 6.39 12.66 11.93
O3' ANP G . 5.00 12.67 11.63
C2' ANP G . 6.81 13.88 12.75
O2' ANP G . 5.87 14.21 13.77
C1' ANP G . 8.10 13.37 13.41
N9 ANP G . 9.33 13.74 12.69
C8 ANP G . 10.01 13.00 11.77
N7 ANP G . 11.08 13.59 11.28
C5 ANP G . 11.09 14.82 11.92
C6 ANP G . 11.97 15.93 11.86
N6 ANP G . 13.04 15.97 11.06
N1 ANP G . 11.70 16.99 12.64
C2 ANP G . 10.62 16.97 13.42
N3 ANP G . 9.71 15.99 13.57
C4 ANP G . 10.01 14.94 12.78
MG MG H . 9.30 10.95 5.93
#